data_5X4J
#
_entry.id   5X4J
#
_cell.length_a   58.614
_cell.length_b   67.347
_cell.length_c   60.511
_cell.angle_alpha   90.00
_cell.angle_beta   112.54
_cell.angle_gamma   90.00
#
_symmetry.space_group_name_H-M   'P 1 21 1'
#
loop_
_entity.id
_entity.type
_entity.pdbx_description
1 polymer 'Uncharacterized protein'
2 non-polymer 'ZINC ION'
3 non-polymer 'CHLORIDE ION'
4 water water
#
_entity_poly.entity_id   1
_entity_poly.type   'polypeptide(L)'
_entity_poly.pdbx_seq_one_letter_code
;(MSE)SYYHHHHHHLESTSLYKKAGSH(MSE)DKEGFLNKVREAVDVVKLHIELGHTIRIISHRDADGITSAAILAKALG
REGASFHISIVKQVSEDLLRELKDEDYKIFIFSALGSGSLSLIKEYLKEKTVIILDHHPPENVKLEEKHILVNPVQFGAN
SVRDLSGSGVTYFFARELNEKNRDLAYIAIVGAVGD(MSE)QENDGVFHG(MSE)NLDIIEDGKSLGILEVKKELRLFGR
ETRPLYQ(MSE)LAYATNPEIPEVTGDERKAIEWLKNKGFNPEKKYWELSEEEKKKLHDFLIIH(MSE)IKHGAGKEDID
RLIGDVVISPLYPEGDPRHEAREFATLLNATGRLNLGNLGVAVCLGDEEAFRKALK(MSE)VEDYKREQIEARKWLLQNW
NSEVWEGDHVYVLYVGKSIRDTLVGIAAS(MSE)AINAGLADPEKPVIVFADTDEDPNLLKGSARTTERALAKGYNLGEA
LRKAAELVNGEGGGHAIAAGIRIPRARLAEFRKLIDKILGEQVSKGGDKSES
;
_entity_poly.pdbx_strand_id   A
#
loop_
_chem_comp.id
_chem_comp.type
_chem_comp.name
_chem_comp.formula
CL non-polymer 'CHLORIDE ION' 'Cl -1'
ZN non-polymer 'ZINC ION' 'Zn 2'
#
# COMPACT_ATOMS: atom_id res chain seq x y z
N SER A 22 -4.03 -15.20 -12.50
CA SER A 22 -3.43 -14.32 -13.50
C SER A 22 -2.14 -14.94 -14.05
N HIS A 23 -1.76 -14.53 -15.26
CA HIS A 23 -0.54 -15.05 -15.89
C HIS A 23 0.11 -13.93 -16.67
N MSE A 24 1.22 -13.42 -16.15
CA MSE A 24 1.93 -12.31 -16.78
C MSE A 24 2.71 -12.70 -18.04
O MSE A 24 3.17 -13.83 -18.16
CB MSE A 24 2.91 -11.67 -15.81
CG MSE A 24 2.28 -10.81 -14.73
SE MSE A 24 3.56 -9.49 -14.06
CE MSE A 24 4.02 -8.63 -15.75
N ASP A 25 2.84 -11.74 -18.95
CA ASP A 25 3.86 -11.80 -20.00
C ASP A 25 5.07 -11.05 -19.45
N LYS A 26 5.91 -11.78 -18.70
CA LYS A 26 7.00 -11.15 -17.98
C LYS A 26 8.02 -10.55 -18.93
N GLU A 27 8.32 -11.23 -20.04
CA GLU A 27 9.31 -10.72 -20.97
C GLU A 27 8.78 -9.52 -21.75
N GLY A 28 7.50 -9.56 -22.13
CA GLY A 28 6.89 -8.38 -22.74
C GLY A 28 6.89 -7.18 -21.81
N PHE A 29 6.70 -7.41 -20.52
CA PHE A 29 6.77 -6.33 -19.54
C PHE A 29 8.19 -5.81 -19.41
N LEU A 30 9.17 -6.71 -19.34
CA LEU A 30 10.56 -6.28 -19.23
C LEU A 30 11.04 -5.58 -20.50
N ASN A 31 10.45 -5.92 -21.65
CA ASN A 31 10.77 -5.18 -22.87
C ASN A 31 10.25 -3.76 -22.80
N LYS A 32 9.07 -3.56 -22.21
CA LYS A 32 8.57 -2.21 -21.98
C LYS A 32 9.46 -1.47 -20.99
N VAL A 33 9.94 -2.17 -19.97
CA VAL A 33 10.88 -1.56 -19.01
C VAL A 33 12.13 -1.10 -19.73
N ARG A 34 12.64 -1.91 -20.67
CA ARG A 34 13.82 -1.51 -21.43
C ARG A 34 13.56 -0.24 -22.23
N GLU A 35 12.35 -0.11 -22.79
CA GLU A 35 12.01 1.09 -23.55
C GLU A 35 12.05 2.34 -22.66
N ALA A 36 11.54 2.24 -21.44
CA ALA A 36 11.59 3.37 -20.52
C ALA A 36 13.02 3.67 -20.09
N VAL A 37 13.84 2.64 -19.92
CA VAL A 37 15.23 2.85 -19.54
C VAL A 37 15.99 3.59 -20.63
N ASP A 38 15.73 3.23 -21.89
CA ASP A 38 16.39 3.93 -23.00
C ASP A 38 15.98 5.40 -23.04
N VAL A 39 14.74 5.71 -22.64
CA VAL A 39 14.29 7.10 -22.67
C VAL A 39 14.96 7.90 -21.56
N VAL A 40 15.03 7.33 -20.35
CA VAL A 40 15.60 8.07 -19.24
C VAL A 40 17.11 8.27 -19.43
N LYS A 41 17.78 7.32 -20.10
CA LYS A 41 19.20 7.48 -20.34
C LYS A 41 19.47 8.59 -21.35
N LEU A 42 18.51 8.89 -22.23
CA LEU A 42 18.65 10.04 -23.11
C LEU A 42 18.80 11.33 -22.33
N HIS A 43 18.06 11.45 -21.23
CA HIS A 43 18.10 12.68 -20.43
C HIS A 43 19.27 12.67 -19.46
N ILE A 44 19.63 11.50 -18.91
CA ILE A 44 20.81 11.41 -18.05
C ILE A 44 22.06 11.84 -18.81
N GLU A 45 22.17 11.44 -20.08
CA GLU A 45 23.33 11.80 -20.89
C GLU A 45 23.50 13.31 -20.97
N LEU A 46 22.39 14.05 -21.06
CA LEU A 46 22.43 15.49 -21.22
C LEU A 46 22.45 16.24 -19.89
N GLY A 47 22.54 15.52 -18.76
CA GLY A 47 22.57 16.19 -17.48
C GLY A 47 21.23 16.74 -17.02
N HIS A 48 20.13 16.26 -17.60
CA HIS A 48 18.81 16.72 -17.18
C HIS A 48 18.51 16.24 -15.77
N THR A 49 17.98 17.14 -14.94
CA THR A 49 17.53 16.76 -13.61
C THR A 49 16.24 15.95 -13.72
N ILE A 50 16.22 14.78 -13.08
CA ILE A 50 15.06 13.90 -13.15
C ILE A 50 14.07 14.33 -12.08
N ARG A 51 12.90 14.81 -12.51
CA ARG A 51 11.83 15.16 -11.57
C ARG A 51 11.06 13.91 -11.21
N ILE A 52 11.00 13.59 -9.92
CA ILE A 52 10.38 12.36 -9.43
C ILE A 52 9.18 12.73 -8.57
N ILE A 53 8.04 12.14 -8.86
CA ILE A 53 6.82 12.30 -8.08
C ILE A 53 6.40 10.92 -7.59
N SER A 54 6.30 10.77 -6.27
CA SER A 54 5.99 9.47 -5.68
C SER A 54 4.99 9.64 -4.54
N HIS A 55 4.34 8.53 -4.20
CA HIS A 55 3.31 8.51 -3.17
C HIS A 55 3.93 8.42 -1.78
N ARG A 56 3.17 8.88 -0.77
CA ARG A 56 3.67 9.03 0.58
C ARG A 56 3.56 7.76 1.43
N ASP A 57 3.00 6.68 0.90
CA ASP A 57 2.96 5.44 1.63
C ASP A 57 4.20 4.60 1.30
N ALA A 58 4.26 3.39 1.87
CA ALA A 58 5.45 2.58 1.79
C ALA A 58 5.81 2.22 0.35
N ASP A 59 4.80 1.97 -0.48
CA ASP A 59 5.07 1.61 -1.87
C ASP A 59 5.71 2.77 -2.62
N GLY A 60 5.28 4.00 -2.34
CA GLY A 60 5.85 5.15 -3.01
C GLY A 60 7.17 5.59 -2.42
N ILE A 61 7.32 5.44 -1.10
CA ILE A 61 8.57 5.84 -0.45
C ILE A 61 9.71 4.92 -0.87
N THR A 62 9.46 3.60 -0.88
CA THR A 62 10.48 2.67 -1.37
C THR A 62 10.78 2.91 -2.84
N SER A 63 9.74 3.21 -3.64
CA SER A 63 9.95 3.51 -5.05
C SER A 63 10.89 4.70 -5.22
N ALA A 64 10.67 5.77 -4.46
CA ALA A 64 11.52 6.95 -4.57
C ALA A 64 12.95 6.65 -4.16
N ALA A 65 13.13 5.82 -3.12
CA ALA A 65 14.47 5.46 -2.68
C ALA A 65 15.18 4.60 -3.73
N ILE A 66 14.44 3.70 -4.38
CA ILE A 66 15.03 2.88 -5.43
C ILE A 66 15.49 3.75 -6.59
N LEU A 67 14.66 4.73 -6.98
CA LEU A 67 15.06 5.66 -8.03
C LEU A 67 16.25 6.50 -7.59
N ALA A 68 16.23 6.99 -6.35
CA ALA A 68 17.33 7.83 -5.86
C ALA A 68 18.64 7.06 -5.85
N LYS A 69 18.61 5.79 -5.44
CA LYS A 69 19.84 4.99 -5.44
C LYS A 69 20.27 4.66 -6.85
N ALA A 70 19.34 4.24 -7.71
CA ALA A 70 19.69 3.85 -9.08
C ALA A 70 20.18 5.04 -9.88
N LEU A 71 19.48 6.18 -9.80
CA LEU A 71 19.94 7.36 -10.50
C LEU A 71 21.25 7.89 -9.94
N GLY A 72 21.48 7.70 -8.65
CA GLY A 72 22.76 8.08 -8.07
C GLY A 72 23.90 7.24 -8.59
N ARG A 73 23.64 5.96 -8.90
CA ARG A 73 24.67 5.10 -9.47
C ARG A 73 25.05 5.54 -10.88
N GLU A 74 24.14 6.18 -11.60
CA GLU A 74 24.40 6.67 -12.95
C GLU A 74 24.86 8.12 -12.97
N GLY A 75 25.16 8.70 -11.81
CA GLY A 75 25.59 10.08 -11.75
C GLY A 75 24.54 11.11 -12.10
N ALA A 76 23.26 10.72 -12.14
CA ALA A 76 22.22 11.65 -12.53
C ALA A 76 21.73 12.46 -11.32
N SER A 77 21.17 13.62 -11.60
CA SER A 77 20.58 14.49 -10.60
C SER A 77 19.06 14.32 -10.62
N PHE A 78 18.45 14.42 -9.43
CA PHE A 78 17.03 14.15 -9.31
C PHE A 78 16.41 15.03 -8.22
N HIS A 79 15.14 15.36 -8.41
CA HIS A 79 14.37 16.19 -7.48
C HIS A 79 13.08 15.44 -7.14
N ILE A 80 12.97 15.01 -5.89
CA ILE A 80 11.89 14.13 -5.46
C ILE A 80 10.84 14.95 -4.72
N SER A 81 9.57 14.73 -5.07
CA SER A 81 8.43 15.26 -4.31
C SER A 81 7.55 14.08 -3.90
N ILE A 82 7.30 13.96 -2.60
CA ILE A 82 6.48 12.88 -2.04
C ILE A 82 5.10 13.45 -1.77
N VAL A 83 4.09 12.97 -2.50
CA VAL A 83 2.77 13.57 -2.50
C VAL A 83 1.74 12.56 -2.00
N LYS A 84 0.52 13.06 -1.80
CA LYS A 84 -0.60 12.22 -1.36
C LYS A 84 -1.31 11.54 -2.51
N GLN A 85 -1.34 12.17 -3.68
CA GLN A 85 -1.99 11.63 -4.86
C GLN A 85 -1.59 12.49 -6.05
N VAL A 86 -1.88 11.97 -7.24
CA VAL A 86 -1.79 12.76 -8.47
C VAL A 86 -3.13 13.47 -8.67
N SER A 87 -3.09 14.80 -8.73
CA SER A 87 -4.30 15.59 -8.92
C SER A 87 -4.06 16.58 -10.05
N GLU A 88 -5.16 17.18 -10.52
CA GLU A 88 -5.04 18.21 -11.55
C GLU A 88 -4.32 19.44 -11.02
N ASP A 89 -4.54 19.76 -9.73
CA ASP A 89 -3.84 20.91 -9.13
C ASP A 89 -2.34 20.66 -9.08
N LEU A 90 -1.93 19.42 -8.80
CA LEU A 90 -0.50 19.10 -8.80
C LEU A 90 0.08 19.23 -10.20
N LEU A 91 -0.62 18.69 -11.21
CA LEU A 91 -0.09 18.71 -12.57
C LEU A 91 -0.03 20.11 -13.14
N ARG A 92 -0.88 21.03 -12.66
CA ARG A 92 -0.76 22.42 -13.08
C ARG A 92 0.47 23.07 -12.49
N GLU A 93 0.87 22.65 -11.28
CA GLU A 93 2.14 23.12 -10.72
C GLU A 93 3.32 22.56 -11.49
N LEU A 94 3.27 21.26 -11.82
CA LEU A 94 4.36 20.64 -12.56
C LEU A 94 4.48 21.19 -13.97
N LYS A 95 3.38 21.70 -14.53
CA LYS A 95 3.41 22.26 -15.88
C LYS A 95 4.34 23.47 -15.94
N ASP A 96 4.41 24.24 -14.86
CA ASP A 96 5.25 25.43 -14.82
C ASP A 96 6.68 25.15 -14.36
N GLU A 97 6.97 23.94 -13.90
CA GLU A 97 8.35 23.57 -13.61
C GLU A 97 9.09 23.32 -14.92
N ASP A 98 10.36 23.72 -14.95
CA ASP A 98 11.15 23.68 -16.17
C ASP A 98 11.92 22.38 -16.35
N TYR A 99 11.52 21.31 -15.65
CA TYR A 99 12.19 20.03 -15.84
C TYR A 99 11.82 19.41 -17.18
N LYS A 100 12.76 18.69 -17.76
CA LYS A 100 12.56 18.10 -19.08
C LYS A 100 11.92 16.72 -19.03
N ILE A 101 12.04 15.99 -17.92
CA ILE A 101 11.50 14.65 -17.79
C ILE A 101 10.95 14.45 -16.39
N PHE A 102 9.79 13.83 -16.30
CA PHE A 102 9.13 13.54 -15.03
C PHE A 102 8.92 12.04 -14.91
N ILE A 103 9.19 11.50 -13.72
CA ILE A 103 8.96 10.10 -13.43
C ILE A 103 7.95 10.01 -12.29
N PHE A 104 6.80 9.41 -12.58
CA PHE A 104 5.80 9.10 -11.56
C PHE A 104 5.96 7.65 -11.15
N SER A 105 6.10 7.41 -9.86
CA SER A 105 6.29 6.06 -9.33
C SER A 105 5.23 5.77 -8.28
N ALA A 106 4.65 4.56 -8.36
CA ALA A 106 3.60 4.10 -7.46
C ALA A 106 2.33 4.95 -7.54
N LEU A 107 2.17 5.68 -8.65
CA LEU A 107 0.96 6.47 -8.91
C LEU A 107 1.01 6.95 -10.35
N GLY A 108 -0.10 7.50 -10.82
CA GLY A 108 -0.19 8.14 -12.12
C GLY A 108 -1.00 7.38 -13.15
N SER A 109 -1.19 6.07 -12.96
CA SER A 109 -1.90 5.28 -13.97
C SER A 109 -3.35 5.74 -14.13
N GLY A 110 -3.95 6.26 -13.06
CA GLY A 110 -5.31 6.77 -13.13
C GLY A 110 -5.41 8.23 -13.55
N SER A 111 -4.32 8.83 -14.03
CA SER A 111 -4.32 10.25 -14.40
C SER A 111 -3.66 10.47 -15.75
N LEU A 112 -3.80 9.51 -16.67
CA LEU A 112 -3.12 9.61 -17.97
C LEU A 112 -3.68 10.76 -18.80
N SER A 113 -5.00 10.98 -18.74
CA SER A 113 -5.59 12.08 -19.50
C SER A 113 -5.11 13.42 -19.00
N LEU A 114 -4.98 13.58 -17.67
CA LEU A 114 -4.48 14.83 -17.13
C LEU A 114 -2.98 15.00 -17.40
N ILE A 115 -2.22 13.90 -17.31
CA ILE A 115 -0.79 13.96 -17.62
C ILE A 115 -0.58 14.32 -19.09
N LYS A 116 -1.42 13.77 -19.97
CA LYS A 116 -1.35 14.15 -21.38
C LYS A 116 -1.62 15.63 -21.57
N GLU A 117 -2.55 16.19 -20.78
CA GLU A 117 -2.95 17.58 -20.97
C GLU A 117 -1.89 18.55 -20.47
N TYR A 118 -1.45 18.38 -19.23
CA TYR A 118 -0.58 19.37 -18.59
C TYR A 118 0.90 19.15 -18.88
N LEU A 119 1.32 17.91 -19.12
CA LEU A 119 2.72 17.60 -19.43
C LEU A 119 2.90 17.20 -20.89
N LYS A 120 2.15 17.83 -21.80
CA LYS A 120 2.16 17.40 -23.19
C LYS A 120 3.53 17.55 -23.82
N GLU A 121 4.24 18.65 -23.51
CA GLU A 121 5.53 18.93 -24.12
C GLU A 121 6.70 18.48 -23.26
N LYS A 122 6.48 17.52 -22.36
CA LYS A 122 7.53 16.99 -21.51
C LYS A 122 7.58 15.48 -21.65
N THR A 123 8.76 14.92 -21.39
CA THR A 123 8.91 13.47 -21.33
C THR A 123 8.44 12.97 -19.96
N VAL A 124 7.63 11.91 -19.97
CA VAL A 124 7.03 11.39 -18.75
C VAL A 124 7.20 9.88 -18.73
N ILE A 125 7.65 9.35 -17.59
CA ILE A 125 7.70 7.92 -17.33
C ILE A 125 6.77 7.61 -16.18
N ILE A 126 5.90 6.62 -16.35
CA ILE A 126 4.99 6.17 -15.31
C ILE A 126 5.40 4.76 -14.92
N LEU A 127 5.81 4.60 -13.65
CA LEU A 127 6.16 3.31 -13.08
C LEU A 127 5.12 2.99 -12.01
N ASP A 128 4.08 2.25 -12.40
CA ASP A 128 2.92 2.08 -11.54
C ASP A 128 2.25 0.74 -11.83
N HIS A 129 1.36 0.33 -10.93
CA HIS A 129 0.69 -0.96 -11.02
C HIS A 129 -0.82 -0.85 -10.87
N HIS A 130 -1.38 0.36 -10.81
CA HIS A 130 -2.83 0.48 -10.76
C HIS A 130 -3.43 0.33 -12.15
N PRO A 131 -4.67 -0.14 -12.25
CA PRO A 131 -5.31 -0.29 -13.57
C PRO A 131 -5.29 1.02 -14.34
N PRO A 132 -4.66 1.02 -15.52
CA PRO A 132 -4.46 2.28 -16.23
C PRO A 132 -5.74 2.81 -16.85
N GLU A 133 -5.85 4.14 -16.86
CA GLU A 133 -6.95 4.78 -17.58
C GLU A 133 -6.89 4.43 -19.05
N ASN A 134 -8.05 4.08 -19.61
CA ASN A 134 -8.13 3.54 -20.97
C ASN A 134 -8.09 4.68 -22.00
N VAL A 135 -6.91 5.31 -22.09
CA VAL A 135 -6.66 6.37 -23.06
C VAL A 135 -5.30 6.15 -23.69
N LYS A 136 -5.13 6.72 -24.89
CA LYS A 136 -3.88 6.61 -25.61
C LYS A 136 -2.90 7.71 -25.15
N LEU A 137 -1.62 7.36 -25.14
CA LEU A 137 -0.56 8.28 -24.73
C LEU A 137 0.21 8.77 -25.95
N GLU A 138 0.85 9.92 -25.78
CA GLU A 138 1.72 10.46 -26.81
C GLU A 138 3.09 9.77 -26.74
N GLU A 139 3.91 10.02 -27.76
CA GLU A 139 5.14 9.25 -27.95
C GLU A 139 6.12 9.44 -26.80
N LYS A 140 6.15 10.62 -26.19
CA LYS A 140 7.11 10.93 -25.13
C LYS A 140 6.58 10.60 -23.74
N HIS A 141 5.40 9.99 -23.63
CA HIS A 141 4.84 9.55 -22.36
C HIS A 141 4.81 8.03 -22.36
N ILE A 142 5.68 7.42 -21.55
CA ILE A 142 5.86 5.98 -21.52
C ILE A 142 5.23 5.43 -20.25
N LEU A 143 4.23 4.57 -20.41
CA LEU A 143 3.60 3.89 -19.29
C LEU A 143 4.23 2.53 -19.09
N VAL A 144 4.70 2.27 -17.87
CA VAL A 144 5.33 1.00 -17.51
C VAL A 144 4.45 0.38 -16.43
N ASN A 145 3.51 -0.46 -16.84
CA ASN A 145 2.52 -1.01 -15.93
C ASN A 145 2.31 -2.50 -16.23
N PRO A 146 2.56 -3.38 -15.25
CA PRO A 146 2.41 -4.82 -15.51
C PRO A 146 0.97 -5.24 -15.78
N VAL A 147 -0.02 -4.44 -15.35
CA VAL A 147 -1.42 -4.79 -15.60
C VAL A 147 -1.68 -4.87 -17.10
N GLN A 148 -1.02 -4.01 -17.88
CA GLN A 148 -1.14 -4.08 -19.34
C GLN A 148 -0.58 -5.38 -19.91
N PHE A 149 0.15 -6.16 -19.11
CA PHE A 149 0.73 -7.41 -19.58
C PHE A 149 0.14 -8.60 -18.82
N GLY A 150 -1.11 -8.48 -18.37
CA GLY A 150 -1.83 -9.59 -17.77
C GLY A 150 -1.67 -9.75 -16.28
N ALA A 151 -1.05 -8.79 -15.59
CA ALA A 151 -0.81 -8.92 -14.16
C ALA A 151 -2.07 -8.58 -13.37
N ASN A 152 -2.21 -9.23 -12.21
CA ASN A 152 -3.18 -8.81 -11.22
C ASN A 152 -2.60 -7.63 -10.43
N SER A 153 -3.35 -6.53 -10.38
CA SER A 153 -2.78 -5.28 -9.90
C SER A 153 -2.43 -5.32 -8.42
N VAL A 154 -3.07 -6.19 -7.63
CA VAL A 154 -2.84 -6.23 -6.19
C VAL A 154 -2.04 -7.45 -5.76
N ARG A 155 -1.57 -8.27 -6.69
CA ARG A 155 -0.85 -9.48 -6.29
C ARG A 155 0.48 -9.66 -7.00
N ASP A 156 0.57 -9.34 -8.28
CA ASP A 156 1.72 -9.75 -9.07
C ASP A 156 2.90 -8.79 -9.01
N LEU A 157 2.66 -7.52 -8.69
CA LEU A 157 3.73 -6.54 -8.60
C LEU A 157 3.19 -5.22 -8.05
N SER A 158 4.00 -4.51 -7.27
CA SER A 158 3.63 -3.21 -6.75
C SER A 158 4.43 -2.13 -7.48
N GLY A 159 4.20 -0.87 -7.08
CA GLY A 159 4.93 0.23 -7.68
C GLY A 159 6.41 0.14 -7.42
N SER A 160 6.80 -0.28 -6.20
CA SER A 160 8.21 -0.47 -5.89
C SER A 160 8.81 -1.61 -6.72
N GLY A 161 7.99 -2.61 -7.07
CA GLY A 161 8.48 -3.68 -7.92
C GLY A 161 8.72 -3.22 -9.34
N VAL A 162 7.81 -2.42 -9.89
CA VAL A 162 8.02 -1.83 -11.21
C VAL A 162 9.29 -0.99 -11.21
N THR A 163 9.45 -0.16 -10.17
CA THR A 163 10.66 0.65 -10.05
C THR A 163 11.91 -0.20 -9.90
N TYR A 164 11.79 -1.35 -9.23
CA TYR A 164 12.94 -2.23 -9.06
C TYR A 164 13.43 -2.77 -10.39
N PHE A 165 12.50 -3.29 -11.21
CA PHE A 165 12.90 -3.82 -12.51
C PHE A 165 13.37 -2.70 -13.45
N PHE A 166 12.82 -1.49 -13.29
CA PHE A 166 13.37 -0.34 -14.00
C PHE A 166 14.82 -0.10 -13.59
N ALA A 167 15.10 -0.14 -12.29
CA ALA A 167 16.45 0.09 -11.81
C ALA A 167 17.38 -1.07 -12.18
N ARG A 168 16.86 -2.30 -12.15
CA ARG A 168 17.69 -3.46 -12.47
C ARG A 168 18.12 -3.43 -13.94
N GLU A 169 17.20 -3.08 -14.84
CA GLU A 169 17.56 -2.95 -16.25
C GLU A 169 18.56 -1.81 -16.46
N LEU A 170 18.49 -0.77 -15.64
CA LEU A 170 19.43 0.35 -15.76
C LEU A 170 20.83 -0.06 -15.31
N ASN A 171 20.92 -0.85 -14.24
CA ASN A 171 22.21 -1.28 -13.72
C ASN A 171 21.98 -2.56 -12.93
N GLU A 172 22.70 -3.63 -13.29
CA GLU A 172 22.56 -4.91 -12.60
C GLU A 172 22.81 -4.78 -11.10
N LYS A 173 23.69 -3.87 -10.70
CA LYS A 173 24.01 -3.69 -9.29
C LYS A 173 22.80 -3.29 -8.46
N ASN A 174 21.75 -2.74 -9.09
CA ASN A 174 20.55 -2.34 -8.37
C ASN A 174 19.73 -3.51 -7.84
N ARG A 175 20.19 -4.75 -8.05
CA ARG A 175 19.54 -5.89 -7.42
C ARG A 175 19.66 -5.87 -5.91
N ASP A 176 20.62 -5.12 -5.36
CA ASP A 176 20.73 -4.98 -3.91
C ASP A 176 19.60 -4.16 -3.31
N LEU A 177 18.70 -3.64 -4.13
CA LEU A 177 17.49 -2.98 -3.68
C LEU A 177 16.30 -3.92 -3.64
N ALA A 178 16.53 -5.24 -3.69
CA ALA A 178 15.44 -6.20 -3.76
C ALA A 178 14.62 -6.18 -2.48
N TYR A 179 15.28 -6.05 -1.32
CA TYR A 179 14.55 -6.04 -0.07
C TYR A 179 13.68 -4.79 0.05
N ILE A 180 14.24 -3.62 -0.33
CA ILE A 180 13.47 -2.38 -0.31
C ILE A 180 12.24 -2.50 -1.19
N ALA A 181 12.38 -3.15 -2.35
CA ALA A 181 11.23 -3.34 -3.23
C ALA A 181 10.16 -4.21 -2.57
N ILE A 182 10.58 -5.24 -1.83
CA ILE A 182 9.63 -6.11 -1.16
C ILE A 182 8.95 -5.39 -0.01
N VAL A 183 9.66 -4.48 0.66
CA VAL A 183 9.04 -3.67 1.71
C VAL A 183 7.85 -2.91 1.15
N GLY A 184 7.97 -2.37 -0.06
CA GLY A 184 6.85 -1.70 -0.68
C GLY A 184 5.72 -2.65 -1.03
N ALA A 185 6.06 -3.86 -1.50
CA ALA A 185 5.04 -4.84 -1.83
C ALA A 185 4.28 -5.28 -0.58
N VAL A 186 4.98 -5.43 0.55
CA VAL A 186 4.33 -5.76 1.80
C VAL A 186 3.47 -4.58 2.28
N GLY A 187 3.97 -3.35 2.11
CA GLY A 187 3.15 -2.19 2.42
C GLY A 187 1.88 -2.14 1.60
N ASP A 188 1.95 -2.61 0.35
CA ASP A 188 0.76 -2.75 -0.49
C ASP A 188 -0.02 -4.02 -0.21
N MSE A 189 0.39 -4.81 0.77
CA MSE A 189 -0.29 -6.05 1.15
C MSE A 189 -0.47 -7.00 -0.03
O MSE A 189 -1.51 -7.62 -0.20
CB MSE A 189 -1.65 -5.74 1.77
CG MSE A 189 -1.59 -4.87 3.01
SE MSE A 189 -3.33 -4.57 3.83
CE MSE A 189 -4.22 -3.68 2.35
N GLN A 190 0.58 -7.11 -0.86
CA GLN A 190 0.52 -8.01 -2.02
C GLN A 190 0.65 -9.47 -1.63
N GLU A 191 0.93 -9.78 -0.37
CA GLU A 191 0.88 -11.13 0.17
C GLU A 191 -0.27 -11.26 1.16
N ASN A 192 -1.37 -10.58 0.88
CA ASN A 192 -2.49 -10.54 1.82
C ASN A 192 -3.15 -11.89 1.99
N ASP A 193 -3.08 -12.75 0.96
CA ASP A 193 -3.63 -14.09 1.09
C ASP A 193 -2.66 -15.06 1.75
N GLY A 194 -1.47 -14.61 2.12
CA GLY A 194 -0.50 -15.41 2.84
C GLY A 194 0.81 -15.67 2.10
N VAL A 195 0.83 -15.52 0.78
CA VAL A 195 2.01 -15.82 -0.02
C VAL A 195 2.19 -14.75 -1.08
N PHE A 196 3.41 -14.70 -1.63
CA PHE A 196 3.74 -13.79 -2.72
C PHE A 196 3.41 -14.43 -4.07
N HIS A 197 3.13 -13.58 -5.06
CA HIS A 197 2.75 -14.04 -6.38
C HIS A 197 3.50 -13.25 -7.45
N GLY A 198 3.36 -13.70 -8.69
CA GLY A 198 3.83 -12.93 -9.83
C GLY A 198 5.32 -12.67 -9.80
N MSE A 199 5.69 -11.45 -10.20
CA MSE A 199 7.09 -11.07 -10.31
C MSE A 199 7.67 -10.61 -8.98
O MSE A 199 8.85 -10.32 -8.87
CB MSE A 199 7.26 -9.98 -11.37
CG MSE A 199 6.83 -10.43 -12.75
SE MSE A 199 7.24 -9.15 -14.16
CE MSE A 199 9.17 -9.34 -14.21
N ASN A 200 6.82 -10.55 -7.95
CA ASN A 200 7.32 -10.41 -6.58
C ASN A 200 8.21 -11.60 -6.23
N LEU A 201 7.84 -12.79 -6.71
CA LEU A 201 8.67 -13.97 -6.50
C LEU A 201 10.02 -13.85 -7.20
N ASP A 202 10.07 -13.17 -8.35
CA ASP A 202 11.34 -12.97 -9.04
C ASP A 202 12.22 -11.98 -8.29
N ILE A 203 11.60 -10.95 -7.68
CA ILE A 203 12.36 -10.04 -6.83
C ILE A 203 12.93 -10.77 -5.63
N ILE A 204 12.13 -11.66 -5.03
CA ILE A 204 12.59 -12.43 -3.87
C ILE A 204 13.78 -13.31 -4.25
N GLU A 205 13.74 -13.90 -5.45
CA GLU A 205 14.87 -14.73 -5.88
C GLU A 205 16.12 -13.90 -6.09
N ASP A 206 15.97 -12.67 -6.59
CA ASP A 206 17.12 -11.78 -6.73
C ASP A 206 17.72 -11.46 -5.36
N GLY A 207 16.87 -11.16 -4.37
CA GLY A 207 17.37 -10.85 -3.04
C GLY A 207 17.97 -12.05 -2.33
N LYS A 208 17.42 -13.24 -2.57
CA LYS A 208 17.99 -14.45 -1.98
C LYS A 208 19.37 -14.76 -2.57
N SER A 209 19.56 -14.49 -3.86
CA SER A 209 20.85 -14.75 -4.49
C SER A 209 21.94 -13.86 -3.90
N LEU A 210 21.59 -12.65 -3.49
CA LEU A 210 22.53 -11.75 -2.83
C LEU A 210 22.57 -11.96 -1.32
N GLY A 211 21.67 -12.77 -0.77
CA GLY A 211 21.66 -13.00 0.67
C GLY A 211 21.22 -11.80 1.48
N ILE A 212 20.40 -10.92 0.90
CA ILE A 212 19.92 -9.73 1.60
C ILE A 212 18.48 -9.88 2.09
N LEU A 213 17.83 -11.00 1.79
CA LEU A 213 16.50 -11.25 2.33
C LEU A 213 16.28 -12.76 2.43
N GLU A 214 15.30 -13.12 3.26
CA GLU A 214 14.94 -14.51 3.49
C GLU A 214 13.45 -14.59 3.76
N VAL A 215 12.79 -15.61 3.23
CA VAL A 215 11.35 -15.79 3.38
C VAL A 215 11.10 -16.88 4.42
N LYS A 216 10.41 -16.51 5.49
CA LYS A 216 10.02 -17.44 6.53
C LYS A 216 8.53 -17.74 6.43
N LYS A 217 8.13 -18.87 7.01
CA LYS A 217 6.72 -19.21 7.21
C LYS A 217 6.40 -18.91 8.66
N GLU A 218 5.82 -17.73 8.90
CA GLU A 218 5.63 -17.23 10.25
C GLU A 218 4.28 -16.55 10.38
N LEU A 219 3.98 -16.12 11.62
CA LEU A 219 2.80 -15.35 11.91
C LEU A 219 2.84 -14.02 11.16
N ARG A 220 1.85 -13.79 10.30
CA ARG A 220 1.85 -12.63 9.41
C ARG A 220 1.20 -11.41 10.08
N LEU A 221 1.78 -11.00 11.20
CA LEU A 221 1.25 -9.88 11.96
C LEU A 221 2.35 -8.87 12.24
N PHE A 222 1.95 -7.61 12.40
CA PHE A 222 2.89 -6.57 12.78
C PHE A 222 3.41 -6.81 14.19
N GLY A 223 4.69 -6.52 14.40
CA GLY A 223 5.30 -6.60 15.71
C GLY A 223 6.32 -7.70 15.90
N ARG A 224 6.82 -8.30 14.82
CA ARG A 224 7.78 -9.39 14.95
C ARG A 224 9.05 -8.92 15.64
N GLU A 225 9.48 -7.69 15.36
CA GLU A 225 10.78 -7.20 15.82
C GLU A 225 10.69 -6.31 17.05
N THR A 226 9.69 -5.42 17.13
CA THR A 226 9.69 -4.37 18.13
C THR A 226 8.56 -4.46 19.15
N ARG A 227 7.63 -5.40 19.00
CA ARG A 227 6.48 -5.42 19.89
C ARG A 227 6.46 -6.67 20.75
N PRO A 228 6.01 -6.57 22.00
CA PRO A 228 5.76 -7.78 22.78
C PRO A 228 4.62 -8.59 22.16
N LEU A 229 4.60 -9.88 22.49
CA LEU A 229 3.66 -10.80 21.86
C LEU A 229 2.22 -10.37 22.08
N TYR A 230 1.89 -9.86 23.27
CA TYR A 230 0.50 -9.53 23.56
C TYR A 230 0.03 -8.35 22.73
N GLN A 231 0.93 -7.45 22.35
CA GLN A 231 0.54 -6.36 21.45
C GLN A 231 0.46 -6.83 20.01
N MSE A 232 1.28 -7.80 19.62
CA MSE A 232 1.22 -8.39 18.29
C MSE A 232 -0.15 -9.03 18.07
O MSE A 232 -0.75 -8.88 17.00
CB MSE A 232 2.32 -9.43 18.09
CG MSE A 232 2.37 -10.03 16.70
SE MSE A 232 3.78 -11.37 16.53
CE MSE A 232 3.79 -11.57 14.58
N LEU A 233 -0.65 -9.71 19.10
CA LEU A 233 -1.97 -10.32 19.00
C LEU A 233 -3.08 -9.29 19.09
N ALA A 234 -2.95 -8.30 19.98
CA ALA A 234 -4.00 -7.31 20.15
C ALA A 234 -4.08 -6.36 18.96
N TYR A 235 -2.96 -6.12 18.27
CA TYR A 235 -2.94 -5.26 17.10
C TYR A 235 -3.51 -5.93 15.85
N ALA A 236 -3.68 -7.25 15.87
CA ALA A 236 -4.06 -8.00 14.67
C ALA A 236 -5.45 -7.60 14.20
N THR A 237 -5.52 -7.05 12.99
CA THR A 237 -6.79 -6.71 12.37
C THR A 237 -6.94 -7.28 10.97
N ASN A 238 -5.98 -8.04 10.48
CA ASN A 238 -6.01 -8.55 9.11
C ASN A 238 -5.24 -9.85 8.97
N PRO A 239 -5.84 -10.97 9.42
CA PRO A 239 -7.18 -11.06 10.02
C PRO A 239 -7.18 -10.76 11.53
N GLU A 240 -8.35 -10.47 12.07
CA GLU A 240 -8.47 -10.32 13.51
C GLU A 240 -8.37 -11.68 14.20
N ILE A 241 -7.93 -11.65 15.45
CA ILE A 241 -7.92 -12.83 16.30
C ILE A 241 -9.09 -12.72 17.25
N PRO A 242 -10.06 -13.64 17.23
CA PRO A 242 -11.30 -13.44 17.97
C PRO A 242 -11.06 -13.23 19.46
N GLU A 243 -11.78 -12.24 20.02
CA GLU A 243 -11.77 -11.91 21.44
C GLU A 243 -10.47 -11.27 21.89
N VAL A 244 -9.38 -11.50 21.16
CA VAL A 244 -8.07 -10.98 21.55
C VAL A 244 -7.77 -9.64 20.90
N THR A 245 -8.21 -9.44 19.65
CA THR A 245 -7.95 -8.21 18.94
C THR A 245 -8.49 -7.00 19.70
N GLY A 246 -7.64 -5.99 19.89
CA GLY A 246 -8.02 -4.78 20.57
C GLY A 246 -8.09 -4.87 22.08
N ASP A 247 -7.72 -6.01 22.67
CA ASP A 247 -7.80 -6.23 24.11
C ASP A 247 -6.45 -6.79 24.56
N GLU A 248 -5.55 -5.90 24.97
CA GLU A 248 -4.23 -6.34 25.40
C GLU A 248 -4.29 -7.19 26.65
N ARG A 249 -5.28 -6.97 27.51
CA ARG A 249 -5.38 -7.74 28.74
C ARG A 249 -5.76 -9.19 28.45
N LYS A 250 -6.72 -9.41 27.53
CA LYS A 250 -7.07 -10.77 27.16
C LYS A 250 -5.97 -11.45 26.38
N ALA A 251 -5.21 -10.69 25.58
CA ALA A 251 -4.06 -11.25 24.89
C ALA A 251 -3.02 -11.74 25.89
N ILE A 252 -2.79 -10.98 26.97
CA ILE A 252 -1.84 -11.40 28.00
C ILE A 252 -2.33 -12.68 28.67
N GLU A 253 -3.61 -12.73 29.01
CA GLU A 253 -4.16 -13.92 29.67
C GLU A 253 -4.04 -15.15 28.77
N TRP A 254 -4.36 -15.00 27.48
CA TRP A 254 -4.33 -16.14 26.57
C TRP A 254 -2.91 -16.65 26.38
N LEU A 255 -1.94 -15.75 26.23
CA LEU A 255 -0.56 -16.17 26.04
C LEU A 255 -0.02 -16.90 27.25
N LYS A 256 -0.29 -16.36 28.46
CA LYS A 256 0.17 -17.02 29.67
C LYS A 256 -0.49 -18.38 29.86
N ASN A 257 -1.78 -18.48 29.52
CA ASN A 257 -2.47 -19.76 29.64
C ASN A 257 -1.92 -20.79 28.66
N LYS A 258 -1.33 -20.36 27.55
CA LYS A 258 -0.72 -21.27 26.59
C LYS A 258 0.76 -21.50 26.84
N GLY A 259 1.33 -20.88 27.87
CA GLY A 259 2.72 -21.11 28.21
C GLY A 259 3.72 -20.17 27.57
N PHE A 260 3.31 -18.97 27.20
CA PHE A 260 4.19 -18.00 26.56
C PHE A 260 4.38 -16.79 27.47
N ASN A 261 5.59 -16.25 27.49
CA ASN A 261 5.85 -14.97 28.13
C ASN A 261 5.25 -13.87 27.27
N PRO A 262 4.21 -13.18 27.73
CA PRO A 262 3.57 -12.16 26.87
C PRO A 262 4.47 -10.97 26.57
N GLU A 263 5.49 -10.71 27.39
CA GLU A 263 6.39 -9.59 27.14
C GLU A 263 7.49 -9.93 26.15
N LYS A 264 7.73 -11.21 25.89
CA LYS A 264 8.73 -11.61 24.90
C LYS A 264 8.28 -11.19 23.51
N LYS A 265 9.25 -10.88 22.65
CA LYS A 265 8.98 -10.54 21.27
C LYS A 265 9.02 -11.79 20.40
N TYR A 266 8.27 -11.76 19.30
CA TYR A 266 8.13 -12.94 18.45
C TYR A 266 9.48 -13.42 17.92
N TRP A 267 10.37 -12.49 17.58
CA TRP A 267 11.68 -12.90 17.07
C TRP A 267 12.51 -13.59 18.13
N GLU A 268 12.26 -13.31 19.40
CA GLU A 268 12.97 -13.96 20.50
C GLU A 268 12.50 -15.39 20.73
N LEU A 269 11.34 -15.76 20.20
CA LEU A 269 10.87 -17.13 20.33
C LEU A 269 11.73 -18.07 19.50
N SER A 270 11.97 -19.27 20.02
CA SER A 270 12.60 -20.31 19.23
C SER A 270 11.64 -20.78 18.15
N GLU A 271 12.19 -21.51 17.17
CA GLU A 271 11.35 -22.04 16.09
C GLU A 271 10.35 -23.06 16.60
N GLU A 272 10.71 -23.80 17.66
CA GLU A 272 9.77 -24.73 18.26
C GLU A 272 8.61 -24.00 18.94
N GLU A 273 8.91 -22.87 19.61
CA GLU A 273 7.86 -22.12 20.28
C GLU A 273 6.97 -21.41 19.29
N LYS A 274 7.53 -20.94 18.17
CA LYS A 274 6.72 -20.34 17.12
C LYS A 274 5.69 -21.34 16.59
N LYS A 275 6.14 -22.56 16.28
CA LYS A 275 5.23 -23.58 15.78
C LYS A 275 4.15 -23.92 16.80
N LYS A 276 4.51 -23.97 18.08
CA LYS A 276 3.52 -24.21 19.12
C LYS A 276 2.52 -23.06 19.19
N LEU A 277 3.01 -21.82 19.02
CA LEU A 277 2.12 -20.66 19.00
C LEU A 277 1.19 -20.71 17.80
N HIS A 278 1.71 -21.12 16.64
CA HIS A 278 0.88 -21.22 15.44
C HIS A 278 -0.24 -22.24 15.63
N ASP A 279 0.08 -23.39 16.24
CA ASP A 279 -0.92 -24.42 16.46
C ASP A 279 -2.04 -23.91 17.36
N PHE A 280 -1.67 -23.24 18.46
CA PHE A 280 -2.67 -22.71 19.39
C PHE A 280 -3.56 -21.66 18.72
N LEU A 281 -2.97 -20.80 17.90
CA LEU A 281 -3.74 -19.75 17.24
C LEU A 281 -4.72 -20.32 16.22
N ILE A 282 -4.27 -21.31 15.46
CA ILE A 282 -5.17 -21.95 14.48
C ILE A 282 -6.33 -22.63 15.18
N ILE A 283 -6.03 -23.38 16.25
CA ILE A 283 -7.09 -24.01 17.03
C ILE A 283 -8.02 -22.96 17.62
N HIS A 284 -7.46 -21.84 18.09
CA HIS A 284 -8.27 -20.78 18.67
C HIS A 284 -9.26 -20.21 17.66
N MSE A 285 -8.80 -19.94 16.44
CA MSE A 285 -9.65 -19.38 15.41
C MSE A 285 -10.73 -20.36 14.96
O MSE A 285 -11.86 -19.97 14.69
CB MSE A 285 -8.82 -18.94 14.20
CG MSE A 285 -7.76 -17.90 14.53
SE MSE A 285 -6.98 -17.09 12.93
CE MSE A 285 -8.50 -16.03 12.33
N ILE A 286 -10.37 -21.64 14.88
CA ILE A 286 -11.35 -22.66 14.53
C ILE A 286 -12.42 -22.77 15.60
N LYS A 287 -12.01 -22.75 16.87
CA LYS A 287 -12.99 -22.87 17.96
C LYS A 287 -13.93 -21.68 18.00
N HIS A 288 -13.49 -20.51 17.53
CA HIS A 288 -14.32 -19.32 17.51
C HIS A 288 -14.98 -19.06 16.16
N GLY A 289 -14.94 -20.03 15.25
CA GLY A 289 -15.69 -19.95 14.02
C GLY A 289 -15.11 -19.05 12.95
N ALA A 290 -13.81 -18.81 12.97
CA ALA A 290 -13.19 -17.97 11.94
C ALA A 290 -13.27 -18.66 10.58
N GLY A 291 -13.36 -17.84 9.53
CA GLY A 291 -13.42 -18.38 8.19
C GLY A 291 -12.11 -19.02 7.75
N LYS A 292 -12.22 -19.89 6.74
CA LYS A 292 -11.06 -20.64 6.28
C LYS A 292 -10.01 -19.71 5.65
N GLU A 293 -10.46 -18.70 4.91
CA GLU A 293 -9.53 -17.80 4.25
C GLU A 293 -8.72 -17.00 5.26
N ASP A 294 -9.34 -16.60 6.37
CA ASP A 294 -8.61 -15.87 7.40
C ASP A 294 -7.63 -16.78 8.13
N ILE A 295 -8.00 -18.04 8.35
CA ILE A 295 -7.09 -18.99 9.00
C ILE A 295 -5.89 -19.25 8.11
N ASP A 296 -6.11 -19.36 6.79
CA ASP A 296 -5.02 -19.74 5.88
C ASP A 296 -4.02 -18.63 5.66
N ARG A 297 -4.39 -17.38 5.92
CA ARG A 297 -3.49 -16.25 5.72
C ARG A 297 -2.90 -15.73 7.03
N LEU A 298 -3.26 -16.32 8.17
CA LEU A 298 -2.64 -15.92 9.43
C LEU A 298 -1.16 -16.31 9.45
N ILE A 299 -0.83 -17.49 8.96
CA ILE A 299 0.55 -17.96 8.86
C ILE A 299 0.93 -17.99 7.39
N GLY A 300 2.06 -17.40 7.05
CA GLY A 300 2.49 -17.35 5.67
C GLY A 300 3.85 -16.74 5.50
N ASP A 301 4.09 -16.21 4.30
CA ASP A 301 5.39 -15.64 3.96
C ASP A 301 5.67 -14.40 4.81
N VAL A 302 6.84 -14.40 5.45
CA VAL A 302 7.35 -13.23 6.17
C VAL A 302 8.79 -13.03 5.71
N VAL A 303 9.09 -11.84 5.20
CA VAL A 303 10.40 -11.54 4.62
C VAL A 303 11.23 -10.79 5.64
N ILE A 304 12.43 -11.29 5.91
CA ILE A 304 13.37 -10.63 6.80
C ILE A 304 14.66 -10.38 6.03
N SER A 305 15.51 -9.52 6.59
CA SER A 305 16.75 -9.11 5.94
C SER A 305 17.91 -9.23 6.92
N PRO A 306 18.95 -10.02 6.62
CA PRO A 306 20.12 -10.07 7.50
C PRO A 306 20.94 -8.79 7.48
N LEU A 307 20.62 -7.83 6.61
CA LEU A 307 21.34 -6.56 6.59
C LEU A 307 21.13 -5.74 7.86
N TYR A 308 20.10 -6.07 8.64
CA TYR A 308 19.76 -5.32 9.84
C TYR A 308 19.67 -6.25 11.03
N PRO A 309 19.91 -5.74 12.24
CA PRO A 309 19.87 -6.61 13.42
C PRO A 309 18.45 -6.99 13.80
N GLU A 310 18.32 -8.14 14.46
CA GLU A 310 17.04 -8.53 15.01
C GLU A 310 16.62 -7.56 16.10
N GLY A 311 15.31 -7.35 16.22
CA GLY A 311 14.79 -6.33 17.10
C GLY A 311 14.70 -4.95 16.48
N ASP A 312 15.35 -4.74 15.33
CA ASP A 312 15.26 -3.52 14.54
C ASP A 312 14.09 -3.64 13.57
N PRO A 313 13.24 -2.62 13.45
CA PRO A 313 12.08 -2.73 12.55
C PRO A 313 12.46 -2.94 11.09
N ARG A 314 13.66 -2.50 10.68
CA ARG A 314 14.11 -2.74 9.31
C ARG A 314 14.40 -4.21 9.04
N HIS A 315 14.50 -5.03 10.09
CA HIS A 315 14.79 -6.45 9.90
C HIS A 315 13.66 -7.21 9.25
N GLU A 316 12.42 -6.70 9.34
CA GLU A 316 11.26 -7.38 8.76
C GLU A 316 10.48 -6.39 7.90
N ALA A 317 9.94 -6.90 6.78
CA ALA A 317 9.37 -6.03 5.76
C ALA A 317 8.12 -5.30 6.25
N ARG A 318 7.26 -5.99 7.01
CA ARG A 318 6.03 -5.34 7.47
C ARG A 318 6.33 -4.25 8.50
N GLU A 319 7.27 -4.51 9.41
CA GLU A 319 7.68 -3.47 10.36
C GLU A 319 8.39 -2.32 9.63
N PHE A 320 9.20 -2.64 8.63
CA PHE A 320 9.85 -1.61 7.83
C PHE A 320 8.82 -0.73 7.13
N ALA A 321 7.82 -1.37 6.51
CA ALA A 321 6.79 -0.61 5.82
C ALA A 321 5.99 0.26 6.79
N THR A 322 5.67 -0.28 7.97
CA THR A 322 4.96 0.52 8.98
C THR A 322 5.79 1.72 9.40
N LEU A 323 7.11 1.53 9.56
CA LEU A 323 8.00 2.63 9.89
C LEU A 323 7.93 3.72 8.83
N LEU A 324 7.95 3.34 7.56
CA LEU A 324 7.89 4.32 6.48
C LEU A 324 6.53 5.01 6.43
N ASN A 325 5.45 4.25 6.60
CA ASN A 325 4.12 4.86 6.65
C ASN A 325 4.00 5.85 7.79
N ALA A 326 4.71 5.62 8.90
CA ALA A 326 4.68 6.55 10.01
C ALA A 326 5.32 7.89 9.64
N THR A 327 6.36 7.85 8.80
CA THR A 327 6.98 9.10 8.36
C THR A 327 6.09 9.87 7.40
N GLY A 328 5.47 9.15 6.45
CA GLY A 328 4.57 9.81 5.52
C GLY A 328 3.31 10.35 6.18
N ARG A 329 2.90 9.76 7.30
CA ARG A 329 1.71 10.22 8.01
C ARG A 329 1.89 11.65 8.50
N LEU A 330 3.11 12.03 8.90
CA LEU A 330 3.40 13.37 9.39
C LEU A 330 3.99 14.26 8.29
N ASN A 331 3.72 13.94 7.01
CA ASN A 331 4.26 14.69 5.88
C ASN A 331 5.79 14.74 5.92
N LEU A 332 6.40 13.64 6.33
CA LEU A 332 7.84 13.49 6.39
C LEU A 332 8.31 12.28 5.59
N GLY A 333 7.65 12.04 4.45
CA GLY A 333 8.04 10.92 3.61
C GLY A 333 9.45 11.04 3.09
N ASN A 334 9.97 12.26 2.96
CA ASN A 334 11.37 12.45 2.61
C ASN A 334 12.30 11.83 3.66
N LEU A 335 11.89 11.87 4.93
CA LEU A 335 12.66 11.19 5.97
C LEU A 335 12.62 9.68 5.76
N GLY A 336 11.47 9.15 5.33
CA GLY A 336 11.37 7.72 5.07
C GLY A 336 12.25 7.29 3.90
N VAL A 337 12.37 8.15 2.88
CA VAL A 337 13.27 7.87 1.77
C VAL A 337 14.72 7.77 2.27
N ALA A 338 15.11 8.68 3.16
CA ALA A 338 16.46 8.66 3.70
C ALA A 338 16.71 7.40 4.53
N VAL A 339 15.68 6.94 5.26
CA VAL A 339 15.82 5.72 6.04
C VAL A 339 16.13 4.54 5.12
N CYS A 340 15.41 4.45 4.00
CA CYS A 340 15.67 3.38 3.04
C CYS A 340 17.09 3.45 2.48
N LEU A 341 17.64 4.65 2.34
CA LEU A 341 18.98 4.83 1.80
C LEU A 341 20.07 4.72 2.84
N GLY A 342 19.74 4.42 4.09
CA GLY A 342 20.72 4.16 5.12
C GLY A 342 21.05 5.32 6.04
N ASP A 343 20.28 6.40 6.00
CA ASP A 343 20.50 7.51 6.93
C ASP A 343 20.11 7.06 8.33
N GLU A 344 21.11 6.83 9.19
CA GLU A 344 20.83 6.33 10.52
C GLU A 344 20.21 7.40 11.41
N GLU A 345 20.54 8.67 11.18
CA GLU A 345 19.91 9.75 11.95
C GLU A 345 18.45 9.90 11.57
N ALA A 346 18.14 9.74 10.28
CA ALA A 346 16.74 9.73 9.86
C ALA A 346 16.00 8.54 10.45
N PHE A 347 16.69 7.41 10.61
CA PHE A 347 16.08 6.26 11.24
C PHE A 347 15.77 6.53 12.70
N ARG A 348 16.69 7.18 13.41
CA ARG A 348 16.47 7.47 14.83
C ARG A 348 15.25 8.37 15.03
N LYS A 349 15.05 9.33 14.13
CA LYS A 349 13.85 10.17 14.20
C LYS A 349 12.60 9.35 13.85
N ALA A 350 12.68 8.58 12.76
CA ALA A 350 11.51 7.84 12.29
C ALA A 350 11.05 6.81 13.32
N LEU A 351 11.98 6.24 14.09
CA LEU A 351 11.63 5.23 15.08
C LEU A 351 10.68 5.78 16.13
N LYS A 352 10.78 7.08 16.43
CA LYS A 352 9.93 7.72 17.43
C LYS A 352 8.55 8.07 16.91
N MSE A 353 8.21 7.70 15.67
CA MSE A 353 6.92 8.08 15.09
C MSE A 353 5.97 6.90 14.97
O MSE A 353 4.79 7.07 14.66
CB MSE A 353 7.14 8.69 13.70
CG MSE A 353 8.04 9.90 13.70
SE MSE A 353 8.44 10.58 11.91
CE MSE A 353 9.71 11.96 12.41
N VAL A 354 6.48 5.69 15.21
CA VAL A 354 5.69 4.49 14.98
C VAL A 354 4.61 4.32 16.05
N GLU A 355 4.93 4.64 17.31
CA GLU A 355 4.01 4.37 18.40
C GLU A 355 2.71 5.15 18.24
N ASP A 356 2.81 6.44 17.93
CA ASP A 356 1.60 7.24 17.76
C ASP A 356 0.83 6.82 16.52
N TYR A 357 1.53 6.27 15.51
CA TYR A 357 0.85 5.79 14.31
C TYR A 357 -0.02 4.57 14.63
N LYS A 358 0.52 3.64 15.41
CA LYS A 358 -0.25 2.45 15.76
C LYS A 358 -1.36 2.78 16.75
N ARG A 359 -1.11 3.74 17.66
CA ARG A 359 -2.15 4.14 18.60
C ARG A 359 -3.34 4.77 17.89
N GLU A 360 -3.08 5.57 16.85
CA GLU A 360 -4.17 6.20 16.11
C GLU A 360 -5.01 5.17 15.37
N GLN A 361 -4.40 4.08 14.91
CA GLN A 361 -5.18 3.01 14.30
C GLN A 361 -6.06 2.31 15.33
N ILE A 362 -5.57 2.17 16.57
CA ILE A 362 -6.36 1.55 17.63
C ILE A 362 -7.57 2.42 17.95
N GLU A 363 -7.35 3.73 18.09
CA GLU A 363 -8.47 4.63 18.35
C GLU A 363 -9.43 4.69 17.18
N ALA A 364 -8.92 4.53 15.95
CA ALA A 364 -9.80 4.51 14.79
C ALA A 364 -10.74 3.30 14.83
N ARG A 365 -10.22 2.14 15.23
CA ARG A 365 -11.07 0.96 15.33
C ARG A 365 -12.11 1.11 16.44
N LYS A 366 -11.72 1.69 17.58
CA LYS A 366 -12.68 1.90 18.65
C LYS A 366 -13.77 2.88 18.24
N TRP A 367 -13.41 3.91 17.46
CA TRP A 367 -14.42 4.83 16.98
C TRP A 367 -15.36 4.15 15.99
N LEU A 368 -14.82 3.25 15.16
CA LEU A 368 -15.66 2.53 14.20
C LEU A 368 -16.69 1.67 14.91
N LEU A 369 -16.24 0.88 15.88
CA LEU A 369 -17.16 0.00 16.61
C LEU A 369 -18.24 0.80 17.35
N GLN A 370 -17.90 2.01 17.79
CA GLN A 370 -18.84 2.81 18.56
C GLN A 370 -19.85 3.55 17.67
N ASN A 371 -19.44 3.98 16.48
CA ASN A 371 -20.24 4.87 15.66
C ASN A 371 -20.71 4.28 14.34
N TRP A 372 -20.39 3.02 14.05
CA TRP A 372 -20.77 2.44 12.75
C TRP A 372 -22.28 2.41 12.59
N ASN A 373 -23.00 1.86 13.57
CA ASN A 373 -24.44 1.67 13.43
C ASN A 373 -25.17 3.00 13.31
N SER A 374 -24.75 4.02 14.06
CA SER A 374 -25.49 5.27 14.10
C SER A 374 -25.11 6.22 12.98
N GLU A 375 -23.99 6.00 12.29
CA GLU A 375 -23.51 6.94 11.30
C GLU A 375 -23.45 6.40 9.87
N VAL A 376 -23.40 5.08 9.67
CA VAL A 376 -23.16 4.55 8.34
C VAL A 376 -24.39 4.72 7.48
N TRP A 377 -24.17 5.02 6.21
CA TRP A 377 -25.21 5.08 5.19
C TRP A 377 -25.12 3.80 4.36
N GLU A 378 -26.16 2.96 4.44
CA GLU A 378 -26.17 1.67 3.75
C GLU A 378 -27.12 1.75 2.57
N GLY A 379 -26.58 1.63 1.36
CA GLY A 379 -27.38 1.49 0.17
C GLY A 379 -27.56 0.02 -0.21
N ASP A 380 -28.04 -0.18 -1.44
CA ASP A 380 -28.24 -1.53 -1.94
C ASP A 380 -26.94 -2.22 -2.30
N HIS A 381 -25.87 -1.45 -2.57
CA HIS A 381 -24.62 -2.04 -3.03
C HIS A 381 -23.38 -1.44 -2.36
N VAL A 382 -23.53 -0.67 -1.29
CA VAL A 382 -22.37 0.01 -0.70
C VAL A 382 -22.68 0.51 0.70
N TYR A 383 -21.67 0.54 1.56
CA TYR A 383 -21.68 1.34 2.78
C TYR A 383 -20.90 2.62 2.54
N VAL A 384 -21.44 3.73 3.01
CA VAL A 384 -20.75 5.02 2.97
C VAL A 384 -20.73 5.60 4.37
N LEU A 385 -19.54 5.75 4.94
CA LEU A 385 -19.36 6.27 6.28
C LEU A 385 -18.55 7.57 6.20
N TYR A 386 -19.15 8.66 6.66
CA TYR A 386 -18.48 9.96 6.73
C TYR A 386 -18.11 10.23 8.19
N VAL A 387 -16.81 10.32 8.46
CA VAL A 387 -16.31 10.45 9.82
C VAL A 387 -15.95 11.88 10.18
N GLY A 388 -16.05 12.81 9.24
CA GLY A 388 -15.61 14.18 9.48
C GLY A 388 -14.10 14.24 9.67
N LYS A 389 -13.67 14.58 10.89
CA LYS A 389 -12.27 14.53 11.27
C LYS A 389 -12.00 13.49 12.34
N SER A 390 -12.97 12.62 12.64
CA SER A 390 -12.77 11.64 13.71
C SER A 390 -11.69 10.63 13.35
N ILE A 391 -11.45 10.41 12.07
CA ILE A 391 -10.37 9.56 11.58
C ILE A 391 -9.57 10.36 10.57
N ARG A 392 -8.24 10.32 10.68
CA ARG A 392 -7.37 11.07 9.77
C ARG A 392 -7.62 10.62 8.34
N ASP A 393 -7.47 11.58 7.40
CA ASP A 393 -7.78 11.31 6.00
C ASP A 393 -6.87 10.25 5.40
N THR A 394 -5.65 10.12 5.92
CA THR A 394 -4.73 9.08 5.46
C THR A 394 -5.02 7.72 6.09
N LEU A 395 -6.04 7.62 6.95
CA LEU A 395 -6.37 6.37 7.62
C LEU A 395 -7.72 5.81 7.19
N VAL A 396 -8.41 6.44 6.23
CA VAL A 396 -9.73 5.98 5.84
C VAL A 396 -9.64 4.64 5.10
N GLY A 397 -8.51 4.37 4.44
CA GLY A 397 -8.34 3.07 3.82
C GLY A 397 -8.23 1.96 4.84
N ILE A 398 -7.43 2.18 5.89
CA ILE A 398 -7.33 1.21 6.97
C ILE A 398 -8.69 1.06 7.68
N ALA A 399 -9.39 2.18 7.85
CA ALA A 399 -10.69 2.13 8.53
C ALA A 399 -11.69 1.31 7.74
N ALA A 400 -11.73 1.48 6.42
CA ALA A 400 -12.66 0.71 5.59
C ALA A 400 -12.37 -0.79 5.68
N SER A 401 -11.09 -1.16 5.69
CA SER A 401 -10.74 -2.58 5.84
C SER A 401 -11.09 -3.10 7.22
N MSE A 402 -10.92 -2.27 8.25
CA MSE A 402 -11.25 -2.66 9.61
C MSE A 402 -12.74 -2.96 9.77
O MSE A 402 -13.11 -3.92 10.43
CB MSE A 402 -10.84 -1.57 10.60
CG MSE A 402 -9.35 -1.56 10.92
SE MSE A 402 -8.89 -0.08 12.10
CE MSE A 402 -7.07 -0.62 12.55
N ALA A 403 -13.57 -2.13 9.14
CA ALA A 403 -15.01 -2.36 9.19
C ALA A 403 -15.36 -3.73 8.63
N ILE A 404 -14.69 -4.14 7.55
CA ILE A 404 -14.91 -5.47 7.00
C ILE A 404 -14.35 -6.54 7.94
N ASN A 405 -13.11 -6.35 8.39
CA ASN A 405 -12.42 -7.38 9.18
C ASN A 405 -12.98 -7.50 10.60
N ALA A 406 -13.64 -6.46 11.11
CA ALA A 406 -14.26 -6.53 12.42
C ALA A 406 -15.68 -7.10 12.38
N GLY A 407 -16.20 -7.39 11.19
CA GLY A 407 -17.55 -7.91 11.08
C GLY A 407 -18.64 -6.87 11.09
N LEU A 408 -18.29 -5.58 10.99
CA LEU A 408 -19.31 -4.54 10.96
C LEU A 408 -20.08 -4.54 9.64
N ALA A 409 -19.42 -4.90 8.55
CA ALA A 409 -19.99 -4.78 7.22
C ALA A 409 -20.16 -6.16 6.59
N ASP A 410 -21.25 -6.31 5.83
CA ASP A 410 -21.44 -7.48 4.98
C ASP A 410 -20.24 -7.63 4.05
N PRO A 411 -19.56 -8.78 4.06
CA PRO A 411 -18.37 -8.93 3.21
C PRO A 411 -18.64 -8.72 1.73
N GLU A 412 -19.88 -8.95 1.28
CA GLU A 412 -20.24 -8.80 -0.13
C GLU A 412 -20.69 -7.39 -0.47
N LYS A 413 -20.64 -6.45 0.47
CA LYS A 413 -21.03 -5.06 0.22
C LYS A 413 -19.83 -4.16 0.44
N PRO A 414 -19.34 -3.46 -0.60
CA PRO A 414 -18.15 -2.62 -0.43
C PRO A 414 -18.36 -1.51 0.59
N VAL A 415 -17.25 -1.07 1.18
CA VAL A 415 -17.26 -0.04 2.23
C VAL A 415 -16.46 1.15 1.73
N ILE A 416 -17.04 2.34 1.86
CA ILE A 416 -16.35 3.59 1.54
C ILE A 416 -16.37 4.46 2.79
N VAL A 417 -15.18 4.92 3.19
CA VAL A 417 -15.02 5.77 4.37
C VAL A 417 -14.50 7.12 3.92
N PHE A 418 -15.23 8.19 4.26
CA PHE A 418 -14.86 9.55 3.90
C PHE A 418 -14.41 10.32 5.12
N ALA A 419 -13.40 11.17 4.93
CA ALA A 419 -12.97 12.12 5.95
C ALA A 419 -12.62 13.43 5.27
N ASP A 420 -12.73 14.53 6.01
CA ASP A 420 -12.29 15.81 5.49
C ASP A 420 -10.78 15.76 5.25
N THR A 421 -10.36 16.31 4.11
CA THR A 421 -8.93 16.39 3.83
C THR A 421 -8.27 17.34 4.81
N ASP A 422 -6.99 17.07 5.10
CA ASP A 422 -6.25 17.90 6.05
C ASP A 422 -6.03 19.31 5.50
N GLU A 423 -5.98 19.45 4.18
CA GLU A 423 -5.72 20.75 3.57
C GLU A 423 -6.97 21.57 3.32
N ASP A 424 -8.10 20.92 3.02
CA ASP A 424 -9.31 21.62 2.62
C ASP A 424 -10.52 21.04 3.34
N PRO A 425 -11.15 21.79 4.24
CA PRO A 425 -12.33 21.25 4.94
C PRO A 425 -13.53 21.02 4.04
N ASN A 426 -13.58 21.68 2.89
CA ASN A 426 -14.66 21.49 1.92
C ASN A 426 -14.35 20.39 0.91
N LEU A 427 -13.26 19.67 1.09
CA LEU A 427 -12.88 18.56 0.23
C LEU A 427 -12.80 17.28 1.06
N LEU A 428 -13.32 16.19 0.53
CA LEU A 428 -13.35 14.91 1.21
C LEU A 428 -12.39 13.93 0.56
N LYS A 429 -11.73 13.12 1.37
CA LYS A 429 -10.93 12.00 0.90
C LYS A 429 -11.63 10.70 1.29
N GLY A 430 -11.86 9.84 0.32
CA GLY A 430 -12.53 8.58 0.56
C GLY A 430 -11.72 7.42 0.03
N SER A 431 -11.82 6.30 0.74
CA SER A 431 -11.19 5.05 0.34
C SER A 431 -12.23 3.95 0.33
N ALA A 432 -12.27 3.19 -0.76
CA ALA A 432 -13.20 2.08 -0.93
C ALA A 432 -12.45 0.77 -0.79
N ARG A 433 -12.99 -0.15 0.00
CA ARG A 433 -12.41 -1.47 0.21
C ARG A 433 -13.53 -2.50 0.17
N THR A 434 -13.20 -3.70 -0.29
CA THR A 434 -14.16 -4.79 -0.33
C THR A 434 -13.39 -6.11 -0.30
N THR A 435 -14.10 -7.21 -0.58
CA THR A 435 -13.55 -8.55 -0.48
C THR A 435 -13.54 -9.24 -1.84
N GLU A 436 -12.98 -10.45 -1.85
CA GLU A 436 -12.98 -11.25 -3.08
C GLU A 436 -14.38 -11.77 -3.39
N ARG A 437 -15.21 -12.00 -2.37
CA ARG A 437 -16.57 -12.45 -2.61
C ARG A 437 -17.37 -11.38 -3.35
N ALA A 438 -17.12 -10.11 -3.04
CA ALA A 438 -17.80 -9.04 -3.75
C ALA A 438 -17.25 -8.87 -5.16
N LEU A 439 -15.95 -9.07 -5.35
CA LEU A 439 -15.38 -9.06 -6.70
C LEU A 439 -16.02 -10.14 -7.56
N ALA A 440 -16.35 -11.29 -6.97
CA ALA A 440 -17.04 -12.34 -7.71
C ALA A 440 -18.43 -11.91 -8.14
N LYS A 441 -19.05 -10.96 -7.42
CA LYS A 441 -20.35 -10.46 -7.84
C LYS A 441 -20.25 -9.51 -9.02
N GLY A 442 -19.07 -9.00 -9.32
CA GLY A 442 -18.87 -8.08 -10.42
C GLY A 442 -18.44 -6.68 -10.02
N TYR A 443 -18.32 -6.38 -8.73
CA TYR A 443 -17.96 -5.03 -8.32
C TYR A 443 -16.51 -4.72 -8.72
N ASN A 444 -16.30 -3.49 -9.17
CA ASN A 444 -14.97 -2.97 -9.50
C ASN A 444 -14.90 -1.55 -8.93
N LEU A 445 -14.27 -1.41 -7.76
CA LEU A 445 -14.31 -0.15 -7.05
C LEU A 445 -13.60 0.96 -7.83
N GLY A 446 -12.46 0.65 -8.45
CA GLY A 446 -11.74 1.67 -9.19
C GLY A 446 -12.53 2.21 -10.37
N GLU A 447 -13.18 1.32 -11.11
CA GLU A 447 -14.00 1.77 -12.24
C GLU A 447 -15.20 2.56 -11.78
N ALA A 448 -15.85 2.13 -10.69
CA ALA A 448 -17.03 2.84 -10.20
C ALA A 448 -16.67 4.22 -9.69
N LEU A 449 -15.58 4.31 -8.90
CA LEU A 449 -15.18 5.60 -8.36
C LEU A 449 -14.71 6.54 -9.46
N ARG A 450 -14.07 6.01 -10.50
CA ARG A 450 -13.67 6.85 -11.63
C ARG A 450 -14.88 7.47 -12.31
N LYS A 451 -15.93 6.66 -12.53
CA LYS A 451 -17.14 7.18 -13.17
C LYS A 451 -17.84 8.19 -12.27
N ALA A 452 -18.01 7.86 -10.99
CA ALA A 452 -18.72 8.76 -10.08
C ALA A 452 -17.97 10.08 -9.91
N ALA A 453 -16.63 10.03 -9.87
CA ALA A 453 -15.85 11.25 -9.72
C ALA A 453 -16.07 12.19 -10.90
N GLU A 454 -16.25 11.64 -12.09
CA GLU A 454 -16.50 12.46 -13.27
C GLU A 454 -17.79 13.26 -13.15
N LEU A 455 -18.77 12.73 -12.41
CA LEU A 455 -20.08 13.36 -12.32
C LEU A 455 -20.21 14.36 -11.18
N VAL A 456 -19.31 14.33 -10.20
CA VAL A 456 -19.38 15.22 -9.06
C VAL A 456 -18.14 16.12 -8.95
N ASN A 457 -17.44 16.31 -10.07
CA ASN A 457 -16.24 17.16 -10.12
C ASN A 457 -15.20 16.67 -9.10
N GLY A 458 -14.95 15.37 -9.11
CA GLY A 458 -13.94 14.79 -8.23
C GLY A 458 -12.86 14.06 -9.00
N GLU A 459 -12.01 13.34 -8.29
CA GLU A 459 -10.96 12.53 -8.89
C GLU A 459 -10.89 11.22 -8.14
N GLY A 460 -10.97 10.11 -8.87
CA GLY A 460 -11.00 8.80 -8.23
C GLY A 460 -10.53 7.70 -9.16
N GLY A 461 -10.24 6.56 -8.55
CA GLY A 461 -9.78 5.40 -9.28
C GLY A 461 -8.97 4.49 -8.39
N GLY A 462 -8.53 3.39 -8.97
CA GLY A 462 -7.70 2.45 -8.24
C GLY A 462 -8.00 1.02 -8.68
N HIS A 463 -7.71 0.08 -7.79
CA HIS A 463 -7.90 -1.33 -8.07
C HIS A 463 -9.37 -1.69 -8.03
N ALA A 464 -9.67 -2.91 -8.47
CA ALA A 464 -11.03 -3.42 -8.37
C ALA A 464 -11.43 -3.65 -6.92
N ILE A 465 -10.48 -4.07 -6.08
CA ILE A 465 -10.77 -4.38 -4.68
C ILE A 465 -10.44 -3.24 -3.73
N ALA A 466 -9.68 -2.24 -4.18
CA ALA A 466 -9.30 -1.13 -3.31
C ALA A 466 -9.09 0.11 -4.17
N ALA A 467 -9.78 1.20 -3.83
CA ALA A 467 -9.69 2.42 -4.62
C ALA A 467 -9.92 3.62 -3.73
N GLY A 468 -9.59 4.80 -4.25
CA GLY A 468 -9.78 6.04 -3.52
C GLY A 468 -10.43 7.09 -4.40
N ILE A 469 -10.95 8.12 -3.75
CA ILE A 469 -11.66 9.19 -4.44
C ILE A 469 -11.62 10.45 -3.59
N ARG A 470 -11.55 11.60 -4.25
CA ARG A 470 -11.61 12.91 -3.62
C ARG A 470 -12.76 13.68 -4.24
N ILE A 471 -13.72 14.11 -3.41
CA ILE A 471 -14.89 14.83 -3.90
C ILE A 471 -15.11 16.05 -3.01
N PRO A 472 -15.78 17.08 -3.53
CA PRO A 472 -16.19 18.19 -2.66
C PRO A 472 -17.18 17.70 -1.61
N ARG A 473 -17.08 18.26 -0.41
CA ARG A 473 -17.99 17.85 0.66
C ARG A 473 -19.45 18.14 0.29
N ALA A 474 -19.68 19.18 -0.51
CA ALA A 474 -21.03 19.52 -0.93
C ALA A 474 -21.71 18.41 -1.72
N ARG A 475 -20.94 17.53 -2.35
CA ARG A 475 -21.47 16.50 -3.22
C ARG A 475 -21.68 15.16 -2.52
N LEU A 476 -21.55 15.12 -1.19
CA LEU A 476 -21.54 13.83 -0.48
C LEU A 476 -22.87 13.09 -0.66
N ALA A 477 -23.99 13.77 -0.39
CA ALA A 477 -25.28 13.11 -0.51
C ALA A 477 -25.56 12.67 -1.94
N GLU A 478 -25.19 13.50 -2.91
CA GLU A 478 -25.35 13.13 -4.32
C GLU A 478 -24.46 11.95 -4.68
N PHE A 479 -23.23 11.92 -4.12
CA PHE A 479 -22.31 10.84 -4.45
C PHE A 479 -22.80 9.50 -3.93
N ARG A 480 -23.43 9.48 -2.76
CA ARG A 480 -23.87 8.21 -2.17
C ARG A 480 -24.93 7.55 -3.05
N LYS A 481 -25.92 8.32 -3.52
CA LYS A 481 -26.90 7.78 -4.43
C LYS A 481 -26.26 7.37 -5.76
N LEU A 482 -25.25 8.12 -6.20
CA LEU A 482 -24.64 7.86 -7.50
C LEU A 482 -23.77 6.61 -7.46
N ILE A 483 -22.94 6.47 -6.43
CA ILE A 483 -22.04 5.32 -6.35
C ILE A 483 -22.84 4.04 -6.11
N ASP A 484 -23.95 4.13 -5.38
CA ASP A 484 -24.80 2.97 -5.18
C ASP A 484 -25.41 2.50 -6.50
N LYS A 485 -25.79 3.45 -7.36
CA LYS A 485 -26.34 3.11 -8.67
C LYS A 485 -25.25 2.53 -9.58
N ILE A 486 -24.07 3.15 -9.59
CA ILE A 486 -22.99 2.69 -10.47
C ILE A 486 -22.54 1.29 -10.08
N LEU A 487 -22.35 1.06 -8.78
CA LEU A 487 -21.97 -0.28 -8.31
C LEU A 487 -23.04 -1.30 -8.63
N GLY A 488 -24.31 -0.93 -8.52
CA GLY A 488 -25.38 -1.87 -8.81
C GLY A 488 -25.39 -2.31 -10.26
N GLU A 489 -24.97 -1.43 -11.17
CA GLU A 489 -24.94 -1.80 -12.59
C GLU A 489 -23.77 -2.72 -12.91
N GLN A 490 -22.74 -2.77 -12.06
CA GLN A 490 -21.63 -3.70 -12.27
C GLN A 490 -21.99 -5.14 -11.91
N VAL A 491 -23.07 -5.35 -11.17
CA VAL A 491 -23.41 -6.68 -10.67
C VAL A 491 -23.66 -7.61 -11.85
N SER A 492 -22.86 -8.67 -11.94
CA SER A 492 -22.97 -9.64 -13.02
C SER A 492 -24.25 -10.46 -12.91
ZN ZN B . 1.06 0.38 -4.81
ZN ZN C . -2.28 1.98 -4.48
ZN ZN D . 3.37 -17.82 -20.43
ZN ZN E . 0.42 -17.05 -7.14
CL CL F . -6.86 4.74 -1.54
#